data_8PAO
#
_entry.id   8PAO
#
_cell.length_a   39.433
_cell.length_b   67.883
_cell.length_c   40.202
_cell.angle_alpha   90.000
_cell.angle_beta   93.290
_cell.angle_gamma   90.000
#
_symmetry.space_group_name_H-M   'P 1 21 1'
#
loop_
_entity.id
_entity.type
_entity.pdbx_description
1 polymer 'Beta-lactamase VIM-1'
2 non-polymer 'ZINC ION'
3 non-polymer '7-[(1~{S})-1-[4-[(2-azanylethylsulfonylamino)methyl]-1,2,3-triazol-1-yl]ethyl]-3-[3-fluoranyl-4-(methylsulfonylmethyl)phenyl]-1~{H}-indole-2-carboxylic acid'
4 water water
#
_entity_poly.entity_id   1
_entity_poly.type   'polypeptide(L)'
_entity_poly.pdbx_seq_one_letter_code
;MLKVISSLLVYMTASVMAVASPLAHSGEPSGEYPTVNEIPVGEVRLYQIADGVWSHIATQSFDGAVYPSNGLIVRDGDEL
LLIDTAWGAKNTAALLAEIEKQIGLPVTRAVSTHFHDDRVGGVDVLRAAGVATYASPSTRRLAEAEGNEIPTHSLEGLSS
SGDAVRFGPVELFYPGAAHSTDNLVVYVPSANVLYGGCAVHELSSTSAGNVADADLAEWPTSVERIQKHYPEAEVVIPGH
GLPGGLDLLQHTANVVKAHKNRSVAE
;
_entity_poly.pdbx_strand_id   A
#
loop_
_chem_comp.id
_chem_comp.type
_chem_comp.name
_chem_comp.formula
XZH non-polymer '7-[(1~{S})-1-[4-[(2-azanylethylsulfonylamino)methyl]-1,2,3-triazol-1-yl]ethyl]-3-[3-fluoranyl-4-(methylsulfonylmethyl)phenyl]-1~{H}-indole-2-carboxylic acid' 'C24 H27 F N6 O6 S2'
ZN non-polymer 'ZINC ION' 'Zn 2'
#
# COMPACT_ATOMS: atom_id res chain seq x y z
N SER A 30 7.49 21.48 -1.73
CA SER A 30 8.11 22.13 -0.58
C SER A 30 7.31 22.00 0.72
N GLY A 31 6.88 20.78 1.03
CA GLY A 31 6.22 20.48 2.29
C GLY A 31 4.81 19.92 2.14
N GLU A 32 4.13 20.27 1.05
CA GLU A 32 2.79 19.77 0.78
C GLU A 32 2.90 18.33 0.26
N TYR A 33 1.82 17.58 0.39
CA TYR A 33 1.86 16.20 -0.09
C TYR A 33 2.02 16.20 -1.60
N PRO A 34 2.95 15.45 -2.17
CA PRO A 34 3.23 15.60 -3.60
C PRO A 34 2.16 14.96 -4.48
N THR A 35 2.03 15.52 -5.68
CA THR A 35 1.09 15.07 -6.70
C THR A 35 1.86 14.83 -8.00
N VAL A 36 1.14 14.34 -9.02
CA VAL A 36 1.78 14.04 -10.30
C VAL A 36 2.55 15.24 -10.84
N ASN A 37 2.00 16.45 -10.63
CA ASN A 37 2.58 17.64 -11.24
C ASN A 37 3.94 17.99 -10.66
N GLU A 38 4.22 17.50 -9.46
CA GLU A 38 5.54 17.59 -8.88
C GLU A 38 6.32 16.31 -9.08
N ILE A 39 5.70 15.28 -9.67
CA ILE A 39 6.41 14.03 -9.86
C ILE A 39 6.40 13.53 -11.30
N PRO A 40 7.45 13.79 -12.06
CA PRO A 40 7.61 13.12 -13.36
C PRO A 40 7.69 11.61 -13.15
N VAL A 41 7.23 10.87 -14.15
CA VAL A 41 7.36 9.42 -14.08
C VAL A 41 8.84 9.08 -14.06
N GLY A 42 9.24 8.31 -13.05
CA GLY A 42 10.63 7.92 -12.86
C GLY A 42 11.30 8.54 -11.65
N GLU A 43 10.71 9.57 -11.06
CA GLU A 43 11.21 10.15 -9.82
C GLU A 43 10.34 9.68 -8.65
N VAL A 44 10.93 9.68 -7.45
CA VAL A 44 10.21 9.28 -6.25
C VAL A 44 10.41 10.34 -5.20
N ARG A 45 9.34 10.67 -4.48
N ARG A 45 9.34 10.63 -4.45
CA ARG A 45 9.42 11.57 -3.34
CA ARG A 45 9.41 11.56 -3.33
C ARG A 45 9.00 10.83 -2.08
C ARG A 45 8.98 10.82 -2.07
N LEU A 46 9.55 11.24 -0.95
CA LEU A 46 9.19 10.74 0.35
C LEU A 46 8.49 11.84 1.12
N TYR A 47 7.60 11.46 2.02
CA TYR A 47 6.85 12.41 2.82
C TYR A 47 6.80 11.87 4.24
N GLN A 48 7.25 12.68 5.19
CA GLN A 48 7.26 12.27 6.58
C GLN A 48 5.85 12.29 7.14
N ILE A 49 5.38 11.13 7.60
CA ILE A 49 4.03 11.01 8.18
C ILE A 49 4.06 11.17 9.69
N ALA A 50 5.05 10.59 10.33
CA ALA A 50 5.18 10.55 11.78
C ALA A 50 6.63 10.18 12.07
N ASP A 51 7.00 10.18 13.34
CA ASP A 51 8.35 9.74 13.69
CA ASP A 51 8.35 9.74 13.70
C ASP A 51 8.57 8.32 13.19
N GLY A 52 9.59 8.14 12.35
CA GLY A 52 9.89 6.82 11.83
C GLY A 52 8.91 6.26 10.84
N VAL A 53 8.03 7.09 10.27
CA VAL A 53 7.06 6.64 9.28
C VAL A 53 7.06 7.64 8.13
N TRP A 54 7.28 7.15 6.92
CA TRP A 54 7.20 7.96 5.71
C TRP A 54 6.26 7.27 4.73
N SER A 55 5.66 8.05 3.84
CA SER A 55 5.10 7.47 2.63
C SER A 55 6.05 7.75 1.48
N HIS A 56 6.01 6.90 0.46
CA HIS A 56 6.70 7.14 -0.79
C HIS A 56 5.67 7.33 -1.88
N ILE A 57 5.96 8.24 -2.80
CA ILE A 57 5.04 8.61 -3.86
C ILE A 57 5.79 8.57 -5.18
N ALA A 58 5.20 7.93 -6.17
CA ALA A 58 5.76 7.85 -7.50
C ALA A 58 4.62 7.94 -8.49
N THR A 59 4.96 8.06 -9.76
CA THR A 59 3.94 8.15 -10.79
C THR A 59 4.26 7.14 -11.88
N GLN A 60 3.21 6.67 -12.55
CA GLN A 60 3.39 5.68 -13.59
C GLN A 60 2.31 5.86 -14.64
N SER A 61 2.65 5.49 -15.88
N SER A 61 2.64 5.48 -15.87
CA SER A 61 1.74 5.48 -16.99
CA SER A 61 1.69 5.52 -16.96
C SER A 61 1.11 4.11 -17.10
C SER A 61 1.11 4.13 -17.17
N PHE A 62 -0.20 4.07 -17.35
CA PHE A 62 -0.93 2.82 -17.47
C PHE A 62 -2.08 3.07 -18.43
N ASP A 63 -2.11 2.31 -19.52
CA ASP A 63 -3.14 2.46 -20.55
C ASP A 63 -3.31 3.90 -21.01
N GLY A 64 -2.19 4.60 -21.12
CA GLY A 64 -2.20 5.93 -21.70
C GLY A 64 -2.60 7.05 -20.77
N ALA A 65 -2.63 6.82 -19.47
CA ALA A 65 -2.87 7.87 -18.49
C ALA A 65 -1.85 7.73 -17.36
N VAL A 66 -1.59 8.83 -16.66
CA VAL A 66 -0.59 8.88 -15.61
C VAL A 66 -1.30 8.94 -14.26
N TYR A 67 -0.83 8.13 -13.32
CA TYR A 67 -1.42 8.03 -11.99
C TYR A 67 -0.31 8.10 -10.94
N PRO A 68 -0.60 8.71 -9.79
CA PRO A 68 0.28 8.60 -8.63
C PRO A 68 -0.03 7.32 -7.88
N SER A 69 0.93 6.87 -7.09
CA SER A 69 0.65 5.81 -6.14
C SER A 69 1.56 5.96 -4.93
N ASN A 70 1.07 5.45 -3.79
CA ASN A 70 1.76 5.54 -2.51
C ASN A 70 2.26 4.18 -2.06
N GLY A 71 3.29 4.22 -1.22
CA GLY A 71 3.69 3.11 -0.39
C GLY A 71 4.11 3.66 0.97
N LEU A 72 4.67 2.80 1.82
CA LEU A 72 5.03 3.18 3.18
C LEU A 72 6.45 2.71 3.49
N ILE A 73 7.11 3.47 4.37
CA ILE A 73 8.42 3.13 4.90
C ILE A 73 8.33 3.27 6.41
N VAL A 74 8.75 2.25 7.15
CA VAL A 74 8.64 2.28 8.61
C VAL A 74 9.99 1.90 9.21
N ARG A 75 10.49 2.76 10.10
N ARG A 75 10.49 2.76 10.10
CA ARG A 75 11.76 2.51 10.75
CA ARG A 75 11.77 2.49 10.73
C ARG A 75 11.65 1.30 11.68
C ARG A 75 11.65 1.29 11.66
N ASP A 76 12.66 0.42 11.60
CA ASP A 76 12.67 -0.89 12.25
C ASP A 76 14.04 -0.97 12.93
N GLY A 77 14.22 -0.17 13.98
CA GLY A 77 15.52 -0.05 14.62
C GLY A 77 16.51 0.71 13.77
N ASP A 78 17.60 0.04 13.36
CA ASP A 78 18.54 0.61 12.39
C ASP A 78 18.30 0.06 10.98
N GLU A 79 17.12 -0.49 10.72
CA GLU A 79 16.75 -0.96 9.39
C GLU A 79 15.40 -0.36 9.05
N LEU A 80 14.98 -0.57 7.80
CA LEU A 80 13.70 -0.09 7.33
C LEU A 80 12.85 -1.24 6.78
N LEU A 81 11.55 -1.16 7.04
CA LEU A 81 10.55 -2.02 6.42
C LEU A 81 9.84 -1.22 5.35
N LEU A 82 9.76 -1.78 4.15
CA LEU A 82 9.09 -1.16 3.01
C LEU A 82 7.74 -1.82 2.80
N ILE A 83 6.71 -1.00 2.60
CA ILE A 83 5.40 -1.49 2.19
C ILE A 83 5.15 -1.03 0.77
N ASP A 84 5.08 -1.99 -0.15
CA ASP A 84 4.77 -1.80 -1.57
C ASP A 84 5.91 -1.17 -2.37
N THR A 85 6.02 -1.60 -3.62
CA THR A 85 7.00 -1.03 -4.52
C THR A 85 6.53 0.35 -4.97
N ALA A 86 7.33 0.99 -5.81
CA ALA A 86 6.99 2.29 -6.38
C ALA A 86 6.37 2.18 -7.77
N TRP A 87 5.80 1.03 -8.11
CA TRP A 87 5.09 0.82 -9.38
C TRP A 87 6.05 0.82 -10.56
N GLY A 88 6.89 -0.21 -10.63
CA GLY A 88 7.78 -0.37 -11.75
C GLY A 88 9.23 -0.52 -11.33
N ALA A 89 10.02 -1.19 -12.17
CA ALA A 89 11.41 -1.46 -11.83
C ALA A 89 12.22 -0.16 -11.69
N LYS A 90 12.13 0.72 -12.68
N LYS A 90 12.13 0.73 -12.67
CA LYS A 90 12.90 1.97 -12.62
CA LYS A 90 12.93 1.95 -12.58
C LYS A 90 12.44 2.83 -11.45
C LYS A 90 12.45 2.86 -11.45
N ASN A 91 11.12 2.94 -11.25
CA ASN A 91 10.64 3.71 -10.10
C ASN A 91 11.16 3.14 -8.79
N THR A 92 11.19 1.81 -8.67
CA THR A 92 11.63 1.19 -7.42
C THR A 92 13.13 1.35 -7.20
N ALA A 93 13.93 1.30 -8.28
CA ALA A 93 15.34 1.69 -8.14
C ALA A 93 15.47 3.12 -7.65
N ALA A 94 14.67 4.03 -8.21
CA ALA A 94 14.69 5.42 -7.76
C ALA A 94 14.25 5.54 -6.31
N LEU A 95 13.31 4.71 -5.89
CA LEU A 95 12.87 4.70 -4.50
C LEU A 95 14.02 4.33 -3.57
N LEU A 96 14.73 3.25 -3.87
CA LEU A 96 15.87 2.89 -3.04
C LEU A 96 16.91 4.00 -2.98
N ALA A 97 17.15 4.68 -4.11
CA ALA A 97 18.11 5.78 -4.12
C ALA A 97 17.62 6.94 -3.27
N GLU A 98 16.32 7.25 -3.33
CA GLU A 98 15.78 8.33 -2.52
C GLU A 98 15.82 7.99 -1.04
N ILE A 99 15.59 6.73 -0.68
CA ILE A 99 15.68 6.32 0.71
C ILE A 99 17.11 6.50 1.22
N GLU A 100 18.11 6.09 0.42
CA GLU A 100 19.49 6.25 0.85
C GLU A 100 19.82 7.73 1.04
N LYS A 101 19.31 8.59 0.16
CA LYS A 101 19.59 10.02 0.24
C LYS A 101 18.93 10.65 1.46
N GLN A 102 17.67 10.31 1.72
CA GLN A 102 16.89 11.04 2.71
C GLN A 102 16.90 10.41 4.09
N ILE A 103 17.10 9.10 4.19
CA ILE A 103 17.01 8.38 5.45
C ILE A 103 18.35 7.70 5.80
N GLY A 104 18.93 6.98 4.85
CA GLY A 104 20.25 6.45 5.05
C GLY A 104 20.33 5.18 5.86
N LEU A 105 19.23 4.46 6.00
CA LEU A 105 19.17 3.16 6.64
C LEU A 105 18.77 2.12 5.61
N PRO A 106 19.25 0.88 5.76
CA PRO A 106 18.98 -0.13 4.74
C PRO A 106 17.57 -0.68 4.81
N VAL A 107 16.96 -0.82 3.63
CA VAL A 107 15.69 -1.54 3.50
C VAL A 107 16.02 -3.02 3.54
N THR A 108 15.54 -3.73 4.55
CA THR A 108 15.85 -5.15 4.68
C THR A 108 14.67 -6.07 4.32
N ARG A 109 13.44 -5.58 4.42
CA ARG A 109 12.27 -6.39 4.13
C ARG A 109 11.23 -5.52 3.45
N ALA A 110 10.42 -6.14 2.61
CA ALA A 110 9.31 -5.46 1.97
C ALA A 110 8.09 -6.36 1.97
N VAL A 111 6.92 -5.75 2.14
CA VAL A 111 5.63 -6.43 2.06
C VAL A 111 4.84 -5.78 0.93
N SER A 112 4.27 -6.60 0.04
CA SER A 112 3.37 -6.11 -0.99
C SER A 112 1.93 -6.41 -0.56
N THR A 113 1.08 -5.39 -0.61
CA THR A 113 -0.26 -5.51 -0.02
C THR A 113 -1.32 -6.07 -0.96
N HIS A 114 -1.04 -6.20 -2.25
CA HIS A 114 -1.82 -7.05 -3.17
C HIS A 114 -1.01 -7.23 -4.44
N PHE A 115 -1.61 -7.88 -5.44
CA PHE A 115 -0.87 -8.46 -6.55
C PHE A 115 -0.67 -7.56 -7.77
N HIS A 116 -1.27 -6.38 -7.78
CA HIS A 116 -1.16 -5.50 -8.94
C HIS A 116 0.23 -4.86 -9.02
N ASP A 117 0.54 -4.37 -10.22
CA ASP A 117 1.88 -3.84 -10.52
C ASP A 117 2.26 -2.66 -9.64
N ASP A 118 1.28 -1.89 -9.15
CA ASP A 118 1.59 -0.77 -8.27
C ASP A 118 2.02 -1.22 -6.88
N ARG A 119 1.99 -2.52 -6.62
CA ARG A 119 2.37 -3.10 -5.33
C ARG A 119 3.54 -4.07 -5.46
N VAL A 120 3.63 -4.81 -6.56
CA VAL A 120 4.70 -5.79 -6.76
C VAL A 120 5.64 -5.43 -7.91
N GLY A 121 5.31 -4.46 -8.75
CA GLY A 121 6.20 -4.11 -9.84
C GLY A 121 7.43 -3.43 -9.29
N GLY A 122 8.59 -4.08 -9.40
CA GLY A 122 9.79 -3.65 -8.71
C GLY A 122 10.30 -4.65 -7.68
N VAL A 123 9.54 -5.71 -7.41
CA VAL A 123 9.98 -6.74 -6.49
C VAL A 123 11.30 -7.36 -6.95
N ASP A 124 11.47 -7.54 -8.27
CA ASP A 124 12.73 -8.10 -8.77
C ASP A 124 13.90 -7.17 -8.45
N VAL A 125 13.71 -5.86 -8.62
CA VAL A 125 14.73 -4.88 -8.23
C VAL A 125 15.04 -4.99 -6.74
N LEU A 126 14.00 -5.07 -5.91
CA LEU A 126 14.23 -5.19 -4.47
C LEU A 126 15.02 -6.44 -4.14
N ARG A 127 14.65 -7.57 -4.75
CA ARG A 127 15.29 -8.84 -4.43
C ARG A 127 16.76 -8.82 -4.84
N ALA A 128 17.08 -8.15 -5.95
CA ALA A 128 18.47 -8.02 -6.36
C ALA A 128 19.23 -6.99 -5.52
N ALA A 129 18.53 -6.16 -4.77
CA ALA A 129 19.17 -5.23 -3.86
C ALA A 129 19.27 -5.77 -2.44
N GLY A 130 19.05 -7.07 -2.26
CA GLY A 130 19.17 -7.69 -0.96
C GLY A 130 17.94 -7.62 -0.07
N VAL A 131 16.85 -7.06 -0.57
CA VAL A 131 15.63 -6.93 0.22
C VAL A 131 14.87 -8.24 0.20
N ALA A 132 14.46 -8.72 1.37
CA ALA A 132 13.61 -9.89 1.44
C ALA A 132 12.16 -9.46 1.20
N THR A 133 11.49 -10.08 0.22
CA THR A 133 10.17 -9.66 -0.20
C THR A 133 9.11 -10.65 0.24
N TYR A 134 8.00 -10.12 0.73
CA TYR A 134 6.93 -10.90 1.33
C TYR A 134 5.58 -10.49 0.79
N ALA A 135 4.66 -11.45 0.77
CA ALA A 135 3.25 -11.20 0.49
C ALA A 135 2.47 -12.44 0.95
N SER A 136 1.16 -12.29 1.07
CA SER A 136 0.33 -13.43 1.42
C SER A 136 0.38 -14.48 0.32
N PRO A 137 0.08 -15.74 0.65
CA PRO A 137 0.00 -16.76 -0.41
C PRO A 137 -1.00 -16.40 -1.49
N SER A 138 -2.10 -15.75 -1.13
N SER A 138 -2.12 -15.79 -1.12
CA SER A 138 -3.09 -15.36 -2.11
CA SER A 138 -3.09 -15.35 -2.12
C SER A 138 -2.52 -14.34 -3.09
C SER A 138 -2.46 -14.37 -3.09
N THR A 139 -1.77 -13.36 -2.58
CA THR A 139 -1.13 -12.39 -3.45
C THR A 139 -0.11 -13.05 -4.36
N ARG A 140 0.68 -13.98 -3.80
CA ARG A 140 1.71 -14.61 -4.60
C ARG A 140 1.09 -15.42 -5.74
N ARG A 141 0.00 -16.14 -5.46
CA ARG A 141 -0.66 -16.91 -6.50
C ARG A 141 -1.22 -16.02 -7.58
N LEU A 142 -1.85 -14.91 -7.18
CA LEU A 142 -2.48 -14.02 -8.16
C LEU A 142 -1.43 -13.31 -8.99
N ALA A 143 -0.34 -12.88 -8.36
CA ALA A 143 0.75 -12.26 -9.11
C ALA A 143 1.31 -13.23 -10.14
N GLU A 144 1.56 -14.48 -9.73
CA GLU A 144 2.08 -15.46 -10.66
C GLU A 144 1.14 -15.68 -11.84
N ALA A 145 -0.17 -15.80 -11.55
CA ALA A 145 -1.13 -16.07 -12.61
C ALA A 145 -1.25 -14.89 -13.57
N GLU A 146 -1.06 -13.67 -13.08
N GLU A 146 -1.05 -13.67 -13.10
CA GLU A 146 -1.18 -12.47 -13.90
CA GLU A 146 -1.20 -12.50 -13.94
C GLU A 146 0.07 -12.16 -14.70
C GLU A 146 0.10 -12.09 -14.63
N GLY A 147 1.21 -12.73 -14.33
CA GLY A 147 2.45 -12.40 -14.97
C GLY A 147 3.16 -11.23 -14.31
N ASN A 148 2.81 -10.93 -13.08
CA ASN A 148 3.47 -9.87 -12.33
C ASN A 148 4.62 -10.45 -11.51
N GLU A 149 5.49 -9.58 -11.02
CA GLU A 149 6.60 -10.04 -10.20
C GLU A 149 6.09 -10.61 -8.89
N ILE A 150 6.82 -11.58 -8.36
CA ILE A 150 6.31 -12.45 -7.30
C ILE A 150 7.20 -12.30 -6.07
N PRO A 151 6.68 -11.77 -4.97
CA PRO A 151 7.45 -11.77 -3.70
C PRO A 151 7.91 -13.18 -3.33
N THR A 152 9.06 -13.24 -2.66
CA THR A 152 9.69 -14.53 -2.39
C THR A 152 8.99 -15.30 -1.28
N HIS A 153 8.58 -14.63 -0.21
CA HIS A 153 8.15 -15.30 1.01
C HIS A 153 6.66 -15.14 1.25
N SER A 154 6.03 -16.21 1.72
CA SER A 154 4.60 -16.22 1.98
C SER A 154 4.30 -15.82 3.43
N LEU A 155 3.31 -14.94 3.59
CA LEU A 155 2.85 -14.49 4.89
C LEU A 155 1.62 -15.31 5.28
N GLU A 156 1.81 -16.26 6.19
CA GLU A 156 0.71 -17.07 6.67
C GLU A 156 -0.07 -16.32 7.75
N GLY A 157 -1.19 -16.90 8.16
CA GLY A 157 -1.98 -16.32 9.23
C GLY A 157 -2.86 -15.16 8.83
N LEU A 158 -3.11 -14.96 7.52
CA LEU A 158 -3.88 -13.82 7.03
C LEU A 158 -4.99 -14.24 6.07
N SER A 159 -5.37 -15.52 6.06
CA SER A 159 -6.28 -16.01 5.03
C SER A 159 -7.75 -15.80 5.35
N SER A 160 -8.11 -15.50 6.60
N SER A 160 -8.09 -15.46 6.60
CA SER A 160 -9.50 -15.26 6.96
CA SER A 160 -9.46 -15.26 7.03
C SER A 160 -9.71 -13.80 7.30
C SER A 160 -9.69 -13.79 7.36
N SER A 161 -10.84 -13.23 6.85
N SER A 161 -10.82 -13.25 6.89
CA SER A 161 -11.10 -11.82 7.13
CA SER A 161 -11.16 -11.87 7.17
C SER A 161 -11.10 -11.58 8.63
C SER A 161 -11.08 -11.60 8.67
N GLY A 162 -10.44 -10.49 9.03
CA GLY A 162 -10.23 -10.17 10.43
C GLY A 162 -8.90 -10.64 10.97
N ASP A 163 -8.17 -11.46 10.22
CA ASP A 163 -6.87 -11.93 10.67
C ASP A 163 -5.87 -10.78 10.75
N ALA A 164 -4.97 -10.89 11.74
CA ALA A 164 -3.89 -9.94 11.91
C ALA A 164 -2.64 -10.66 12.37
N VAL A 165 -1.49 -10.20 11.90
CA VAL A 165 -0.20 -10.73 12.31
C VAL A 165 0.78 -9.57 12.48
N ARG A 166 1.75 -9.75 13.35
CA ARG A 166 2.81 -8.76 13.50
C ARG A 166 3.93 -9.02 12.51
N PHE A 167 4.50 -7.94 11.99
CA PHE A 167 5.63 -8.01 11.06
C PHE A 167 6.52 -6.80 11.36
N GLY A 168 7.60 -7.03 12.09
CA GLY A 168 8.44 -5.94 12.53
C GLY A 168 7.62 -4.90 13.27
N PRO A 169 7.79 -3.64 12.89
CA PRO A 169 7.09 -2.55 13.60
C PRO A 169 5.66 -2.31 13.16
N VAL A 170 5.06 -3.20 12.37
CA VAL A 170 3.68 -3.01 11.93
C VAL A 170 2.84 -4.25 12.25
N GLU A 171 1.53 -4.05 12.16
CA GLU A 171 0.55 -5.13 12.12
C GLU A 171 -0.03 -5.18 10.72
N LEU A 172 -0.09 -6.39 10.16
CA LEU A 172 -0.73 -6.63 8.88
C LEU A 172 -2.13 -7.19 9.17
N PHE A 173 -3.12 -6.72 8.43
CA PHE A 173 -4.52 -7.04 8.68
C PHE A 173 -5.18 -7.37 7.35
N TYR A 174 -5.90 -8.49 7.31
CA TYR A 174 -6.67 -8.84 6.13
C TYR A 174 -8.13 -8.48 6.39
N PRO A 175 -8.67 -7.44 5.76
CA PRO A 175 -10.04 -7.01 6.08
C PRO A 175 -11.13 -7.79 5.34
N GLY A 176 -10.77 -8.63 4.40
CA GLY A 176 -11.72 -9.19 3.46
C GLY A 176 -11.55 -8.58 2.08
N ALA A 177 -12.28 -9.14 1.13
CA ALA A 177 -12.20 -8.68 -0.25
C ALA A 177 -12.71 -7.25 -0.37
N ALA A 178 -12.01 -6.46 -1.18
CA ALA A 178 -12.38 -5.06 -1.34
C ALA A 178 -11.94 -4.63 -2.73
N HIS A 179 -10.86 -3.85 -2.79
CA HIS A 179 -10.27 -3.51 -4.08
C HIS A 179 -9.78 -4.76 -4.81
N SER A 180 -9.30 -5.74 -4.06
CA SER A 180 -8.94 -7.05 -4.60
C SER A 180 -9.25 -8.07 -3.51
N THR A 181 -9.25 -9.35 -3.89
N THR A 181 -9.23 -9.34 -3.91
CA THR A 181 -9.58 -10.35 -2.90
CA THR A 181 -9.55 -10.40 -2.95
C THR A 181 -8.47 -10.50 -1.87
C THR A 181 -8.45 -10.56 -1.92
N ASP A 182 -7.23 -10.15 -2.23
CA ASP A 182 -6.06 -10.37 -1.39
C ASP A 182 -5.59 -9.13 -0.63
N ASN A 183 -6.28 -7.99 -0.73
CA ASN A 183 -5.72 -6.75 -0.22
C ASN A 183 -5.49 -6.80 1.28
N LEU A 184 -4.31 -6.35 1.70
CA LEU A 184 -3.95 -6.22 3.09
C LEU A 184 -3.84 -4.76 3.47
N VAL A 185 -4.06 -4.49 4.76
N VAL A 185 -4.13 -4.46 4.74
CA VAL A 185 -3.96 -3.18 5.39
CA VAL A 185 -3.87 -3.14 5.28
C VAL A 185 -2.84 -3.27 6.41
C VAL A 185 -2.79 -3.28 6.34
N VAL A 186 -2.19 -2.14 6.68
CA VAL A 186 -1.00 -2.10 7.52
C VAL A 186 -1.21 -1.02 8.56
N TYR A 187 -0.97 -1.35 9.82
CA TYR A 187 -1.09 -0.38 10.91
C TYR A 187 0.25 -0.23 11.61
N VAL A 188 0.62 1.00 11.90
CA VAL A 188 1.86 1.28 12.63
C VAL A 188 1.45 1.68 14.03
N PRO A 189 1.48 0.77 15.02
CA PRO A 189 0.89 1.12 16.33
C PRO A 189 1.63 2.24 17.04
N SER A 190 2.94 2.38 16.84
CA SER A 190 3.68 3.44 17.51
C SER A 190 3.19 4.84 17.13
N ALA A 191 2.58 4.98 15.96
CA ALA A 191 2.19 6.29 15.44
C ALA A 191 0.71 6.38 15.10
N ASN A 192 -0.05 5.32 15.33
CA ASN A 192 -1.46 5.23 14.94
C ASN A 192 -1.66 5.63 13.49
N VAL A 193 -0.80 5.09 12.63
CA VAL A 193 -0.88 5.31 11.19
C VAL A 193 -1.51 4.09 10.55
N LEU A 194 -2.60 4.30 9.81
CA LEU A 194 -3.27 3.24 9.08
C LEU A 194 -2.99 3.42 7.60
N TYR A 195 -2.29 2.46 7.01
CA TYR A 195 -2.02 2.44 5.58
C TYR A 195 -3.06 1.50 4.98
N GLY A 196 -4.03 2.08 4.30
CA GLY A 196 -5.10 1.28 3.77
C GLY A 196 -4.80 0.62 2.46
N GLY A 197 -3.74 1.05 1.79
CA GLY A 197 -3.52 0.50 0.47
C GLY A 197 -4.70 0.82 -0.43
N CYS A 198 -4.85 0.02 -1.48
CA CYS A 198 -5.84 0.36 -2.50
C CYS A 198 -7.26 0.04 -2.10
N ALA A 199 -7.46 -0.59 -0.94
CA ALA A 199 -8.79 -0.73 -0.36
C ALA A 199 -9.33 0.58 0.18
N VAL A 200 -8.50 1.63 0.26
CA VAL A 200 -8.91 2.92 0.79
C VAL A 200 -8.58 3.99 -0.23
N HIS A 201 -9.55 4.85 -0.52
CA HIS A 201 -9.40 5.93 -1.49
C HIS A 201 -9.32 7.29 -0.80
N GLU A 202 -8.72 8.23 -1.51
CA GLU A 202 -8.56 9.58 -1.00
C GLU A 202 -9.89 10.33 -1.03
N LEU A 203 -9.96 11.39 -0.22
CA LEU A 203 -11.22 12.11 -0.06
C LEU A 203 -11.70 12.76 -1.35
N SER A 204 -10.79 13.16 -2.22
CA SER A 204 -11.19 13.83 -3.45
C SER A 204 -11.74 12.88 -4.50
N SER A 205 -11.65 11.57 -4.29
CA SER A 205 -12.11 10.62 -5.29
C SER A 205 -13.61 10.71 -5.47
N THR A 206 -14.06 10.54 -6.72
CA THR A 206 -15.48 10.45 -7.02
C THR A 206 -15.82 9.15 -7.74
N SER A 207 -14.86 8.24 -7.86
CA SER A 207 -15.09 6.91 -8.42
C SER A 207 -14.24 5.95 -7.62
N ALA A 208 -14.43 4.66 -7.84
CA ALA A 208 -13.78 3.63 -7.05
C ALA A 208 -12.46 3.16 -7.66
N GLY A 209 -11.84 3.97 -8.52
CA GLY A 209 -10.55 3.60 -9.07
C GLY A 209 -10.63 2.46 -10.08
N ASN A 210 -9.57 1.66 -10.13
CA ASN A 210 -9.52 0.51 -11.02
C ASN A 210 -10.16 -0.68 -10.30
N VAL A 211 -11.36 -1.07 -10.74
CA VAL A 211 -12.17 -2.05 -10.04
C VAL A 211 -12.18 -3.40 -10.77
N ALA A 212 -11.28 -3.59 -11.74
CA ALA A 212 -11.30 -4.82 -12.52
C ALA A 212 -11.32 -6.06 -11.63
N ASP A 213 -10.58 -6.03 -10.52
CA ASP A 213 -10.44 -7.20 -9.67
C ASP A 213 -11.13 -7.03 -8.32
N ALA A 214 -12.03 -6.06 -8.21
CA ALA A 214 -12.65 -5.74 -6.93
C ALA A 214 -13.89 -6.59 -6.67
N ASP A 215 -14.31 -6.58 -5.40
CA ASP A 215 -15.59 -7.13 -4.95
C ASP A 215 -16.37 -5.95 -4.38
N LEU A 216 -17.16 -5.29 -5.25
CA LEU A 216 -17.85 -4.07 -4.82
C LEU A 216 -18.91 -4.37 -3.77
N ALA A 217 -19.48 -5.57 -3.77
CA ALA A 217 -20.51 -5.91 -2.79
C ALA A 217 -19.90 -6.12 -1.40
N GLU A 218 -18.73 -6.73 -1.33
CA GLU A 218 -18.08 -7.01 -0.05
C GLU A 218 -17.25 -5.84 0.46
N TRP A 219 -16.81 -4.94 -0.41
CA TRP A 219 -15.91 -3.86 -0.02
C TRP A 219 -16.42 -3.04 1.16
N PRO A 220 -17.69 -2.60 1.21
CA PRO A 220 -18.12 -1.84 2.39
C PRO A 220 -18.00 -2.62 3.69
N THR A 221 -18.29 -3.93 3.65
CA THR A 221 -18.15 -4.76 4.85
C THR A 221 -16.69 -4.86 5.26
N SER A 222 -15.78 -4.94 4.29
CA SER A 222 -14.36 -4.98 4.62
C SER A 222 -13.90 -3.66 5.20
N VAL A 223 -14.40 -2.54 4.67
CA VAL A 223 -14.06 -1.24 5.24
C VAL A 223 -14.58 -1.14 6.67
N GLU A 224 -15.79 -1.64 6.91
N GLU A 224 -15.79 -1.63 6.91
CA GLU A 224 -16.35 -1.64 8.26
CA GLU A 224 -16.35 -1.63 8.26
C GLU A 224 -15.46 -2.42 9.22
C GLU A 224 -15.44 -2.41 9.21
N ARG A 225 -14.87 -3.52 8.75
CA ARG A 225 -13.95 -4.28 9.59
C ARG A 225 -12.73 -3.46 9.93
N ILE A 226 -12.19 -2.72 8.95
CA ILE A 226 -11.05 -1.85 9.22
C ILE A 226 -11.43 -0.81 10.27
N GLN A 227 -12.59 -0.17 10.10
CA GLN A 227 -13.04 0.86 11.03
C GLN A 227 -13.16 0.30 12.44
N LYS A 228 -13.70 -0.91 12.57
CA LYS A 228 -13.87 -1.51 13.88
C LYS A 228 -12.55 -1.91 14.51
N HIS A 229 -11.58 -2.31 13.70
N HIS A 229 -11.58 -2.32 13.71
CA HIS A 229 -10.32 -2.80 14.23
CA HIS A 229 -10.32 -2.82 14.25
C HIS A 229 -9.36 -1.69 14.62
C HIS A 229 -9.30 -1.72 14.56
N TYR A 230 -9.38 -0.57 13.89
CA TYR A 230 -8.44 0.53 14.09
C TYR A 230 -9.16 1.85 14.36
N PRO A 231 -9.95 1.90 15.43
CA PRO A 231 -10.70 3.14 15.73
C PRO A 231 -9.82 4.29 16.19
N GLU A 232 -8.59 4.03 16.58
CA GLU A 232 -7.69 5.07 17.09
C GLU A 232 -6.75 5.60 16.00
N ALA A 233 -6.94 5.19 14.76
CA ALA A 233 -6.07 5.67 13.69
C ALA A 233 -6.13 7.19 13.61
N GLU A 234 -4.96 7.81 13.50
CA GLU A 234 -4.86 9.26 13.41
C GLU A 234 -4.56 9.74 11.99
N VAL A 235 -3.82 8.96 11.22
CA VAL A 235 -3.57 9.22 9.81
C VAL A 235 -4.00 7.99 9.04
N VAL A 236 -4.69 8.20 7.92
CA VAL A 236 -5.09 7.12 7.02
C VAL A 236 -4.48 7.44 5.66
N ILE A 237 -3.74 6.49 5.10
CA ILE A 237 -3.03 6.68 3.84
C ILE A 237 -3.70 5.79 2.79
N PRO A 238 -4.18 6.36 1.69
CA PRO A 238 -4.78 5.54 0.62
C PRO A 238 -3.68 4.99 -0.29
N GLY A 239 -4.06 4.03 -1.13
CA GLY A 239 -3.11 3.47 -2.08
C GLY A 239 -2.70 4.48 -3.13
N HIS A 240 -3.57 5.43 -3.43
CA HIS A 240 -3.34 6.50 -4.40
C HIS A 240 -3.94 7.78 -3.84
N GLY A 241 -3.17 8.85 -3.82
CA GLY A 241 -3.70 10.14 -3.42
C GLY A 241 -3.29 10.56 -2.01
N LEU A 242 -4.00 11.57 -1.51
N LEU A 242 -4.01 11.57 -1.51
CA LEU A 242 -3.58 12.29 -0.33
CA LEU A 242 -3.55 12.28 -0.33
C LEU A 242 -4.01 11.57 0.95
C LEU A 242 -4.00 11.56 0.94
N PRO A 243 -3.12 11.47 1.94
CA PRO A 243 -3.55 11.00 3.26
C PRO A 243 -4.53 11.97 3.91
N GLY A 244 -5.26 11.44 4.87
CA GLY A 244 -6.15 12.25 5.68
C GLY A 244 -6.40 11.54 6.99
N GLY A 245 -7.60 11.68 7.52
CA GLY A 245 -8.00 11.04 8.75
C GLY A 245 -8.93 9.86 8.52
N LEU A 246 -9.60 9.45 9.59
CA LEU A 246 -10.50 8.31 9.51
C LEU A 246 -11.62 8.50 8.49
N ASP A 247 -11.93 9.74 8.12
CA ASP A 247 -13.00 9.98 7.15
C ASP A 247 -12.75 9.28 5.82
N LEU A 248 -11.49 8.99 5.49
CA LEU A 248 -11.22 8.30 4.23
C LEU A 248 -11.92 6.94 4.18
N LEU A 249 -12.11 6.29 5.33
CA LEU A 249 -12.75 4.99 5.33
C LEU A 249 -14.21 5.10 4.94
N GLN A 250 -14.96 6.00 5.60
CA GLN A 250 -16.36 6.17 5.24
C GLN A 250 -16.50 6.67 3.81
N HIS A 251 -15.65 7.61 3.41
CA HIS A 251 -15.73 8.10 2.04
C HIS A 251 -15.54 6.97 1.05
N THR A 252 -14.58 6.08 1.31
CA THR A 252 -14.36 4.95 0.42
C THR A 252 -15.62 4.10 0.31
N ALA A 253 -16.22 3.75 1.45
CA ALA A 253 -17.47 2.99 1.39
C ALA A 253 -18.49 3.73 0.54
N ASN A 254 -18.58 5.05 0.69
CA ASN A 254 -19.57 5.82 -0.04
C ASN A 254 -19.33 5.74 -1.55
N VAL A 255 -18.09 5.96 -1.99
CA VAL A 255 -17.83 5.96 -3.43
C VAL A 255 -17.99 4.57 -4.02
N VAL A 256 -17.64 3.54 -3.25
CA VAL A 256 -17.77 2.17 -3.76
C VAL A 256 -19.24 1.81 -3.93
N LYS A 257 -20.06 2.13 -2.93
CA LYS A 257 -21.50 1.85 -3.02
C LYS A 257 -22.11 2.60 -4.20
N ALA A 258 -21.71 3.86 -4.42
CA ALA A 258 -22.25 4.60 -5.55
C ALA A 258 -21.78 4.03 -6.88
N HIS A 259 -20.55 3.50 -6.92
CA HIS A 259 -20.04 2.87 -8.12
C HIS A 259 -20.80 1.59 -8.43
N LYS A 260 -20.96 0.72 -7.42
CA LYS A 260 -21.74 -0.51 -7.60
C LYS A 260 -23.11 -0.18 -8.17
N ASN A 261 -23.66 0.93 -7.72
CA ASN A 261 -24.84 1.47 -8.30
C ASN A 261 -24.40 2.42 -9.44
ZN ZN B . -4.72 -2.75 -7.25
ZN ZN C . -3.91 0.56 -6.58
C02 XZH D . -6.48 1.66 -7.73
C02 XZH D . -6.59 1.54 -7.81
C04 XZH D . -5.82 1.72 -9.09
C04 XZH D . -5.88 1.68 -9.15
C05 XZH D . -5.92 2.74 -10.03
C05 XZH D . -5.93 2.73 -10.06
C06 XZH D . -6.66 4.07 -9.86
C06 XZH D . -6.69 4.05 -9.91
C07 XZH D . -6.51 4.75 -8.67
C07 XZH D . -7.44 4.60 -10.93
C08 XZH D . -7.15 5.98 -8.48
C08 XZH D . -8.09 5.82 -10.73
C09 XZH D . -7.90 6.52 -9.49
C09 XZH D . -7.96 6.48 -9.52
C10 XZH D . -8.60 7.87 -9.27
C10 XZH D . -8.66 7.83 -9.30
C13 XZH D . -10.21 6.83 -7.03
C13 XZH D . -10.11 6.77 -6.93
C15 XZH D . -8.03 5.85 -10.69
C15 XZH D . -7.18 5.93 -8.50
C17 XZH D . -7.40 4.62 -10.89
C17 XZH D . -6.55 4.72 -8.71
C18 XZH D . -5.16 2.32 -11.14
C18 XZH D . -5.12 2.33 -11.14
C19 XZH D . -4.87 2.88 -12.39
C19 XZH D . -4.75 2.93 -12.36
C20 XZH D . -4.08 2.16 -13.28
C20 XZH D . -3.90 2.25 -13.22
C21 XZH D . -3.58 0.91 -12.95
C21 XZH D . -3.41 0.98 -12.89
C22 XZH D . -3.87 0.35 -11.71
C22 XZH D . -3.77 0.39 -11.68
C23 XZH D . -3.32 -1.04 -11.27
C23 XZH D . -3.25 -1.01 -11.25
C27 XZH D . -5.37 -3.80 -12.43
C27 XZH D . -5.46 -3.70 -12.29
C28 XZH D . -5.80 -5.02 -13.26
C28 XZH D . -5.94 -4.90 -13.10
C31 XZH D . -7.58 -5.73 -16.08
C31 XZH D . -7.59 -5.78 -15.97
C32 XZH D . -6.83 -7.00 -16.48
C32 XZH D . -6.95 -6.97 -16.67
C36 XZH D . -4.16 -3.05 -12.53
C36 XZH D . -4.23 -2.99 -12.45
C37 XZH D . -1.91 -1.28 -11.78
C37 XZH D . -1.88 -1.33 -11.84
C38 XZH D . -4.66 1.07 -10.82
C38 XZH D . -4.63 1.08 -10.81
F16 XZH D . -8.78 6.39 -11.69
F16 XZH D . -7.03 6.55 -7.29
N24 XZH D . -4.27 -2.08 -11.62
N24 XZH D . -4.26 -2.00 -11.54
N25 XZH D . -5.43 -2.20 -11.00
N25 XZH D . -5.39 -2.09 -10.87
N26 XZH D . -6.10 -3.22 -11.49
N26 XZH D . -6.13 -3.09 -11.33
N29 XZH D . -5.28 -4.85 -14.60
N29 XZH D . -5.34 -4.84 -14.41
N33 XZH D . -7.01 -8.07 -15.51
N33 XZH D . -5.69 -7.31 -16.04
N39 XZH D . -5.08 0.75 -9.60
N39 XZH D . -5.11 0.73 -9.63
O01 XZH D . -5.84 1.20 -6.76
O01 XZH D . -6.04 0.89 -6.89
O03 XZH D . -7.69 2.00 -7.64
O03 XZH D . -7.75 2.01 -7.70
O12 XZH D . -11.06 6.78 -9.61
O12 XZH D . -11.24 6.94 -9.41
O14 XZH D . -11.07 8.85 -8.63
O14 XZH D . -10.94 8.93 -8.30
O34 XZH D . -5.66 -4.08 -17.06
O34 XZH D . -5.50 -4.37 -16.96
O35 XZH D . -7.03 -3.11 -15.53
O35 XZH D . -6.93 -3.16 -15.68
S11 XZH D . -10.30 7.60 -8.68
S11 XZH D . -10.30 7.63 -8.51
S30 XZH D . -6.37 -4.39 -15.83
S30 XZH D . -6.33 -4.49 -15.76
H071 XZH D . -5.90 4.33 -7.88
H071 XZH D . -7.54 4.09 -11.88
H081 XZH D . -7.04 6.50 -7.53
H081 XZH D . -8.68 6.25 -11.53
H101 XZH D . -8.05 8.45 -8.55
H101 XZH D . -8.04 8.45 -8.66
H102 XZH D . -8.63 8.42 -10.21
H102 XZH D . -8.79 8.32 -10.25
H132 XZH D . -11.17 6.38 -6.79
H132 XZH D . -11.07 6.41 -6.60
H131 XZH D . -9.97 7.59 -6.29
H131 XZH D . -9.71 7.45 -6.19
H133 XZH D . -9.44 6.06 -7.03
H133 XZH D . -9.43 5.93 -7.05
H171 XZH D . -7.49 4.11 -11.84
H171 XZH D . -5.94 4.30 -7.92
H191 XZH D . -5.25 3.85 -12.66
H191 XZH D . -5.12 3.90 -12.62
H201 XZH D . -3.85 2.60 -14.26
H201 XZH D . -3.61 2.70 -14.16
H211 XZH D . -2.96 0.37 -13.65
H211 XZH D . -2.75 0.46 -13.57
H231 XZH D . -3.27 -1.08 -10.19
H231 XZH D . -3.13 -1.03 -10.17
H282 XZH D . -6.88 -5.07 -13.29
H282 XZH D . -7.03 -4.86 -13.20
H281 XZH D . -5.39 -5.92 -12.82
H281 XZH D . -5.66 -5.82 -12.60
H312 XZH D . -8.28 -5.46 -16.86
H312 XZH D . -8.41 -5.40 -16.57
H311 XZH D . -8.12 -5.91 -15.15
H311 XZH D . -7.96 -6.09 -15.00
H322 XZH D . -5.77 -6.77 -16.57
H322 XZH D . -6.77 -6.73 -17.71
H321 XZH D . -7.20 -7.33 -17.44
H321 XZH D . -7.62 -7.82 -16.62
H361 XZH D . -3.32 -3.22 -13.20
H361 XZH D . -3.43 -3.20 -13.15
H371 XZH D . -1.95 -1.67 -12.79
H371 XZH D . -2.00 -1.70 -12.85
H372 XZH D . -1.41 -1.99 -11.13
H372 XZH D . -1.39 -2.08 -11.23
H373 XZH D . -1.36 -0.34 -11.78
H373 XZH D . -1.27 -0.42 -11.86
H291 XZH D . -4.32 -5.01 -14.81
H291 XZH D . -4.35 -5.00 -14.53
H331 XZH D . -6.25 -8.05 -14.86
H331 XZH D . -5.66 -8.28 -15.83
H332 XZH D . -7.88 -7.93 -15.03
H332 XZH D . -4.93 -7.07 -16.64
H391 XZH D . -4.86 -0.11 -9.12
H391 XZH D . -4.91 -0.15 -9.17
#